data_4U82
#
_entry.id   4U82
#
_cell.length_a   57.079
_cell.length_b   57.079
_cell.length_c   158.618
_cell.angle_alpha   90.000
_cell.angle_beta   90.000
_cell.angle_gamma   90.000
#
_symmetry.space_group_name_H-M   'P 41 21 2'
#
loop_
_entity.id
_entity.type
_entity.pdbx_description
1 polymer 'Isoprenyl transferase'
2 non-polymer 'MAGNESIUM ION'
3 non-polymer 'S-[(2E,6E)-3,7,11-TRIMETHYLDODECA-2,6,10-TRIENYL] TRIHYDROGEN THIODIPHOSPHATE'
4 non-polymer 'SULFATE ION'
5 water water
#
_entity_poly.entity_id   1
_entity_poly.type   'polypeptide(L)'
_entity_poly.pdbx_seq_one_letter_code
;MFKKLINKKNTINNYNEELDSSNIPEHIAIIMDGNGRWAKKRKMPRIKGHYEGMQTIKKITRIASDIGVKYLTLYAFSTE
NWSRPESEVNYIMNLPVNFLKTFLPELIEKNVKVETIGFTDKLPKSTIEAINNAKEKTANNTGLKLIFAINYGGRAELVH
SIKNMFDELHQQGLNSDIIDETYINNHLMTKDYPDPELLIRTSGEQRISNFLIWQVSYSEFIFNQKLWPDFDEDELIKCI
KIYQSRQRRFGGLSEE
;
_entity_poly.pdbx_strand_id   A
#
# COMPACT_ATOMS: atom_id res chain seq x y z
N LEU A 19 -6.26 -11.20 20.13
CA LEU A 19 -6.74 -11.47 18.74
C LEU A 19 -7.23 -12.90 18.54
N ASP A 20 -8.20 -13.10 17.66
CA ASP A 20 -8.62 -14.41 17.21
C ASP A 20 -7.53 -14.81 16.18
N SER A 21 -6.68 -15.77 16.50
CA SER A 21 -5.60 -16.11 15.61
C SER A 21 -6.10 -16.84 14.37
N SER A 22 -7.38 -17.21 14.32
CA SER A 22 -7.85 -17.87 13.11
C SER A 22 -8.45 -16.90 12.15
N ASN A 23 -8.47 -15.59 12.48
CA ASN A 23 -9.15 -14.61 11.67
C ASN A 23 -8.22 -13.37 11.46
N ILE A 24 -6.95 -13.65 11.25
CA ILE A 24 -5.98 -12.55 10.91
C ILE A 24 -6.27 -12.16 9.45
N PRO A 25 -6.52 -10.87 9.14
CA PRO A 25 -6.75 -10.55 7.70
C PRO A 25 -5.55 -10.94 6.84
N GLU A 26 -5.82 -11.43 5.61
CA GLU A 26 -4.71 -11.78 4.77
C GLU A 26 -4.04 -10.53 4.15
N HIS A 27 -4.83 -9.49 3.92
CA HIS A 27 -4.32 -8.31 3.23
C HIS A 27 -4.81 -7.03 3.90
N ILE A 28 -3.89 -6.25 4.49
CA ILE A 28 -4.26 -4.94 5.02
C ILE A 28 -3.68 -3.87 4.19
N ALA A 29 -4.49 -2.88 3.82
CA ALA A 29 -4.03 -1.75 3.03
C ALA A 29 -4.07 -0.51 3.94
N ILE A 30 -3.02 0.33 3.85
CA ILE A 30 -2.95 1.52 4.73
C ILE A 30 -2.63 2.79 4.02
N ILE A 31 -3.47 3.78 4.30
CA ILE A 31 -3.21 5.18 3.81
C ILE A 31 -2.47 5.88 5.00
N MET A 32 -1.17 6.13 4.80
CA MET A 32 -0.31 6.68 5.83
C MET A 32 -0.34 8.21 6.04
N ASP A 33 -1.45 8.72 6.51
CA ASP A 33 -1.70 10.12 6.45
C ASP A 33 -1.36 10.78 7.83
N GLY A 34 -1.07 12.08 7.76
CA GLY A 34 -0.83 12.82 8.99
C GLY A 34 0.63 13.23 9.24
N ASN A 35 1.54 12.91 8.32
CA ASN A 35 2.99 13.15 8.64
C ASN A 35 3.14 14.69 8.72
N GLY A 36 2.47 15.41 7.81
CA GLY A 36 2.67 16.93 7.73
C GLY A 36 2.20 17.56 8.99
N ARG A 37 1.01 17.16 9.46
CA ARG A 37 0.45 17.70 10.64
C ARG A 37 1.32 17.31 11.88
N TRP A 38 1.88 16.09 11.87
CA TRP A 38 2.73 15.65 12.99
C TRP A 38 3.92 16.58 13.08
N ALA A 39 4.58 16.92 11.95
CA ALA A 39 5.72 17.91 12.01
C ALA A 39 5.21 19.31 12.37
N LYS A 40 4.02 19.72 11.91
CA LYS A 40 3.59 21.16 12.13
C LYS A 40 3.25 21.34 13.60
N LYS A 41 2.76 20.29 14.26
CA LYS A 41 2.43 20.32 15.72
C LYS A 41 3.69 20.72 16.48
N ARG A 42 4.83 20.23 15.99
CA ARG A 42 6.16 20.40 16.61
C ARG A 42 6.92 21.59 15.97
N LYS A 43 6.25 22.41 15.14
CA LYS A 43 6.89 23.48 14.32
C LYS A 43 8.19 22.94 13.65
N MET A 44 8.06 21.81 12.97
CA MET A 44 9.17 21.26 12.21
C MET A 44 8.67 21.31 10.76
N PRO A 45 9.57 21.28 9.78
CA PRO A 45 9.16 21.27 8.38
C PRO A 45 8.39 19.96 8.04
N ARG A 46 7.51 20.00 7.06
CA ARG A 46 6.72 18.85 6.70
C ARG A 46 7.67 17.67 6.42
N ILE A 47 8.78 17.93 5.74
CA ILE A 47 9.68 16.79 5.40
C ILE A 47 10.13 15.98 6.62
N LYS A 48 10.22 16.64 7.77
CA LYS A 48 10.61 15.89 8.99
C LYS A 48 9.56 14.85 9.37
N GLY A 49 8.30 15.25 9.11
CA GLY A 49 7.20 14.27 9.36
C GLY A 49 7.29 13.09 8.41
N HIS A 50 7.69 13.33 7.15
CA HIS A 50 7.86 12.19 6.25
C HIS A 50 9.02 11.30 6.66
N TYR A 51 10.14 11.93 7.11
CA TYR A 51 11.25 11.11 7.60
C TYR A 51 10.77 10.16 8.73
N GLU A 52 10.02 10.71 9.68
CA GLU A 52 9.47 9.90 10.80
C GLU A 52 8.43 8.91 10.30
N GLY A 53 7.67 9.27 9.30
CA GLY A 53 6.67 8.32 8.73
C GLY A 53 7.35 7.16 8.00
N MET A 54 8.51 7.40 7.36
CA MET A 54 9.25 6.31 6.73
C MET A 54 9.79 5.39 7.81
N GLN A 55 10.20 5.93 8.95
CA GLN A 55 10.64 5.06 10.02
C GLN A 55 9.50 4.18 10.60
N THR A 56 8.29 4.75 10.66
CA THR A 56 7.16 4.06 11.23
C THR A 56 6.72 2.83 10.35
N ILE A 57 6.99 2.99 9.06
CA ILE A 57 6.77 1.83 8.17
C ILE A 57 7.54 0.58 8.71
N LYS A 58 8.75 0.77 9.31
CA LYS A 58 9.50 -0.40 9.75
C LYS A 58 8.81 -1.10 10.95
N LYS A 59 8.29 -0.31 11.88
CA LYS A 59 7.57 -0.85 13.02
C LYS A 59 6.35 -1.65 12.60
N ILE A 60 5.61 -1.08 11.65
CA ILE A 60 4.38 -1.76 11.17
C ILE A 60 4.68 -3.00 10.34
N THR A 61 5.73 -2.97 9.51
CA THR A 61 6.09 -4.15 8.78
C THR A 61 6.41 -5.29 9.78
N ARG A 62 7.16 -4.95 10.82
CA ARG A 62 7.54 -5.97 11.82
C ARG A 62 6.36 -6.67 12.47
N ILE A 63 5.40 -5.85 12.91
CA ILE A 63 4.28 -6.48 13.62
C ILE A 63 3.38 -7.14 12.55
N ALA A 64 3.16 -6.62 11.43
CA ALA A 64 2.36 -7.32 10.39
C ALA A 64 2.97 -8.69 10.05
N SER A 65 4.29 -8.73 9.89
CA SER A 65 4.92 -10.03 9.62
C SER A 65 4.81 -10.98 10.81
N ASP A 66 5.00 -10.47 12.01
CA ASP A 66 5.00 -11.33 13.16
C ASP A 66 3.65 -11.97 13.45
N ILE A 67 2.57 -11.27 13.14
CA ILE A 67 1.23 -11.80 13.42
C ILE A 67 0.72 -12.59 12.22
N GLY A 68 1.45 -12.54 11.12
CA GLY A 68 1.09 -13.39 9.95
C GLY A 68 0.15 -12.78 8.93
N VAL A 69 0.16 -11.45 8.82
CA VAL A 69 -0.50 -10.80 7.66
C VAL A 69 0.27 -11.22 6.42
N LYS A 70 -0.49 -11.57 5.38
CA LYS A 70 0.20 -12.06 4.13
C LYS A 70 0.65 -10.90 3.20
N TYR A 71 -0.14 -9.85 3.12
CA TYR A 71 0.12 -8.77 2.16
C TYR A 71 -0.11 -7.46 2.93
N LEU A 72 0.78 -6.47 2.77
CA LEU A 72 0.57 -5.13 3.40
C LEU A 72 0.86 -4.09 2.33
N THR A 73 -0.19 -3.41 1.89
CA THR A 73 -0.03 -2.36 0.83
C THR A 73 -0.07 -1.01 1.48
N LEU A 74 0.99 -0.24 1.19
CA LEU A 74 1.15 1.11 1.81
C LEU A 74 1.08 2.17 0.71
N TYR A 75 0.19 3.17 0.87
CA TYR A 75 0.04 4.27 -0.05
C TYR A 75 1.14 5.32 0.12
N ALA A 76 2.20 5.19 -0.63
CA ALA A 76 3.38 6.05 -0.46
C ALA A 76 3.31 7.30 -1.27
N PHE A 77 2.77 7.27 -2.49
CA PHE A 77 2.73 8.50 -3.21
C PHE A 77 1.69 8.30 -4.32
N SER A 78 0.75 9.20 -4.36
CA SER A 78 -0.33 9.00 -5.35
C SER A 78 -0.08 9.74 -6.66
N THR A 79 -0.86 9.42 -7.70
CA THR A 79 -0.75 10.15 -8.95
C THR A 79 -1.19 11.63 -8.82
N GLU A 80 -1.91 12.02 -7.75
CA GLU A 80 -2.27 13.44 -7.50
C GLU A 80 -1.20 14.18 -6.65
N ASN A 81 -0.26 13.42 -6.08
CA ASN A 81 0.68 14.04 -5.11
C ASN A 81 1.76 14.84 -5.90
N TRP A 82 1.85 14.65 -7.19
CA TRP A 82 2.70 15.50 -8.05
C TRP A 82 2.34 16.95 -7.99
N SER A 83 1.18 17.35 -7.45
CA SER A 83 0.78 18.74 -7.33
C SER A 83 1.48 19.45 -6.19
N ARG A 84 2.13 18.66 -5.32
CA ARG A 84 2.77 19.20 -4.14
C ARG A 84 4.12 19.90 -4.52
N PRO A 85 4.63 20.70 -3.58
CA PRO A 85 5.94 21.40 -3.86
C PRO A 85 6.98 20.42 -4.25
N GLU A 86 7.81 20.79 -5.23
CA GLU A 86 8.79 19.83 -5.74
C GLU A 86 9.81 19.38 -4.66
N SER A 87 10.10 20.26 -3.71
CA SER A 87 11.09 19.85 -2.68
C SER A 87 10.51 18.69 -1.83
N GLU A 88 9.18 18.70 -1.64
CA GLU A 88 8.53 17.65 -0.86
C GLU A 88 8.46 16.39 -1.72
N VAL A 89 8.09 16.56 -2.99
CA VAL A 89 8.06 15.40 -3.89
C VAL A 89 9.43 14.73 -4.01
N ASN A 90 10.48 15.52 -4.14
CA ASN A 90 11.83 14.94 -4.30
C ASN A 90 12.28 14.26 -3.02
N TYR A 91 11.87 14.84 -1.87
CA TYR A 91 12.25 14.25 -0.59
C TYR A 91 11.56 12.88 -0.40
N ILE A 92 10.26 12.81 -0.68
CA ILE A 92 9.55 11.54 -0.58
C ILE A 92 10.09 10.53 -1.55
N MET A 93 10.41 10.98 -2.75
CA MET A 93 10.91 10.05 -3.76
C MET A 93 12.27 9.48 -3.43
N ASN A 94 13.04 10.21 -2.64
CA ASN A 94 14.29 9.73 -2.16
C ASN A 94 14.31 8.87 -0.94
N LEU A 95 13.27 8.96 -0.13
CA LEU A 95 13.13 8.14 1.10
C LEU A 95 13.31 6.63 0.91
N PRO A 96 12.83 6.06 -0.21
CA PRO A 96 13.03 4.61 -0.33
C PRO A 96 14.50 4.19 -0.33
N VAL A 97 15.41 5.04 -0.85
CA VAL A 97 16.82 4.69 -0.91
C VAL A 97 17.35 4.54 0.52
N ASN A 98 17.04 5.54 1.34
CA ASN A 98 17.36 5.55 2.80
C ASN A 98 16.74 4.34 3.54
N PHE A 99 15.46 4.12 3.29
CA PHE A 99 14.73 3.04 3.97
C PHE A 99 15.38 1.68 3.63
N LEU A 100 15.68 1.48 2.33
CA LEU A 100 16.13 0.12 1.94
C LEU A 100 17.60 -0.04 2.42
N LYS A 101 18.37 1.04 2.33
CA LYS A 101 19.80 0.96 2.79
C LYS A 101 19.95 0.40 4.20
N THR A 102 19.10 0.82 5.10
CA THR A 102 19.24 0.42 6.50
C THR A 102 18.37 -0.82 6.84
N PHE A 103 17.27 -1.01 6.09
CA PHE A 103 16.32 -2.00 6.46
C PHE A 103 16.25 -3.27 5.59
N LEU A 104 16.86 -3.22 4.41
CA LEU A 104 16.86 -4.38 3.51
C LEU A 104 17.43 -5.64 4.18
N PRO A 105 18.57 -5.57 4.90
CA PRO A 105 19.08 -6.79 5.58
C PRO A 105 18.06 -7.49 6.49
N GLU A 106 17.27 -6.73 7.26
CA GLU A 106 16.26 -7.28 8.11
C GLU A 106 15.09 -7.84 7.28
N LEU A 107 14.76 -7.16 6.19
CA LEU A 107 13.63 -7.66 5.32
C LEU A 107 14.03 -9.04 4.75
N ILE A 108 15.31 -9.18 4.33
CA ILE A 108 15.72 -10.47 3.79
C ILE A 108 15.63 -11.54 4.84
N GLU A 109 16.17 -11.22 6.01
CA GLU A 109 16.18 -12.12 7.14
C GLU A 109 14.77 -12.52 7.67
N LYS A 110 13.81 -11.59 7.59
CA LYS A 110 12.47 -11.83 8.07
C LYS A 110 11.63 -12.47 6.94
N ASN A 111 12.25 -12.82 5.84
CA ASN A 111 11.58 -13.49 4.71
C ASN A 111 10.47 -12.63 4.09
N VAL A 112 10.67 -11.30 4.09
CA VAL A 112 9.70 -10.40 3.45
C VAL A 112 10.01 -10.27 1.98
N LYS A 113 8.98 -10.16 1.15
CA LYS A 113 9.23 -9.97 -0.29
C LYS A 113 8.77 -8.58 -0.61
N VAL A 114 9.68 -7.77 -1.18
CA VAL A 114 9.33 -6.38 -1.54
C VAL A 114 8.72 -6.29 -2.91
N GLU A 115 7.58 -5.56 -3.04
CA GLU A 115 6.92 -5.35 -4.34
C GLU A 115 6.46 -3.90 -4.41
N THR A 116 6.07 -3.50 -5.62
CA THR A 116 5.43 -2.19 -5.84
C THR A 116 4.24 -2.30 -6.75
N ILE A 117 3.34 -1.35 -6.60
CA ILE A 117 2.33 -1.06 -7.62
C ILE A 117 2.43 0.41 -7.91
N GLY A 118 2.13 0.79 -9.17
CA GLY A 118 2.18 2.20 -9.59
C GLY A 118 3.07 2.25 -10.85
N PHE A 119 3.33 3.46 -11.30
CA PHE A 119 4.00 3.72 -12.58
C PHE A 119 5.43 4.06 -12.16
N THR A 120 6.23 3.03 -12.00
CA THR A 120 7.36 3.22 -11.09
C THR A 120 8.51 3.62 -11.99
N ASP A 121 8.23 3.64 -13.27
CA ASP A 121 9.13 4.23 -14.25
C ASP A 121 9.44 5.76 -14.12
N LYS A 122 8.62 6.55 -13.38
CA LYS A 122 8.71 8.05 -13.38
C LYS A 122 9.50 8.58 -12.16
N LEU A 123 9.98 7.62 -11.42
CA LEU A 123 10.70 7.88 -10.22
C LEU A 123 12.13 8.29 -10.62
N PRO A 124 12.85 8.96 -9.70
CA PRO A 124 14.33 9.12 -9.88
C PRO A 124 15.02 7.80 -10.17
N LYS A 125 15.98 7.84 -11.10
CA LYS A 125 16.79 6.65 -11.33
C LYS A 125 17.33 5.94 -10.07
N SER A 126 17.91 6.67 -9.11
CA SER A 126 18.51 6.07 -7.91
C SER A 126 17.46 5.38 -7.07
N THR A 127 16.24 5.92 -7.09
CA THR A 127 15.07 5.24 -6.44
C THR A 127 14.64 3.93 -7.15
N ILE A 128 14.52 3.99 -8.48
CA ILE A 128 14.37 2.76 -9.23
C ILE A 128 15.41 1.68 -8.96
N GLU A 129 16.71 2.03 -9.00
CA GLU A 129 17.75 1.09 -8.76
C GLU A 129 17.64 0.48 -7.36
N ALA A 130 17.28 1.30 -6.36
CA ALA A 130 17.29 0.81 -4.94
C ALA A 130 16.07 -0.16 -4.82
N ILE A 131 14.98 0.22 -5.45
CA ILE A 131 13.80 -0.65 -5.32
C ILE A 131 14.04 -1.92 -6.09
N ASN A 132 14.58 -1.80 -7.32
CA ASN A 132 14.86 -3.03 -8.06
C ASN A 132 15.82 -3.99 -7.37
N ASN A 133 16.84 -3.44 -6.69
CA ASN A 133 17.75 -4.27 -5.96
C ASN A 133 17.01 -5.01 -4.83
N ALA A 134 16.18 -4.26 -4.09
CA ALA A 134 15.39 -4.90 -3.07
C ALA A 134 14.42 -5.95 -3.61
N LYS A 135 13.80 -5.72 -4.76
CA LYS A 135 12.91 -6.75 -5.37
C LYS A 135 13.74 -8.00 -5.69
N GLU A 136 14.92 -7.77 -6.27
CA GLU A 136 15.73 -8.93 -6.69
C GLU A 136 16.25 -9.74 -5.49
N LYS A 137 16.68 -9.07 -4.42
CA LYS A 137 17.25 -9.71 -3.22
C LYS A 137 16.19 -10.40 -2.39
N THR A 138 14.92 -10.09 -2.65
CA THR A 138 13.85 -10.75 -1.84
C THR A 138 12.86 -11.54 -2.75
N ALA A 139 13.23 -11.78 -4.01
CA ALA A 139 12.32 -12.32 -5.03
C ALA A 139 11.74 -13.72 -4.65
N ASN A 140 12.52 -14.55 -4.00
CA ASN A 140 12.13 -15.90 -3.63
C ASN A 140 11.64 -15.96 -2.20
N ASN A 141 11.51 -14.81 -1.51
CA ASN A 141 11.01 -14.87 -0.13
C ASN A 141 9.52 -15.19 -0.08
N THR A 142 9.13 -16.01 0.89
CA THR A 142 7.73 -16.50 0.94
C THR A 142 6.88 -15.91 2.10
N GLY A 143 7.42 -14.91 2.79
CA GLY A 143 6.72 -14.34 3.98
C GLY A 143 5.91 -13.13 3.51
N LEU A 144 5.76 -12.19 4.43
CA LEU A 144 4.93 -10.97 4.15
C LEU A 144 5.28 -10.34 2.81
N LYS A 145 4.29 -10.07 1.95
CA LYS A 145 4.52 -9.26 0.76
C LYS A 145 4.35 -7.80 1.18
N LEU A 146 5.43 -7.01 1.10
CA LEU A 146 5.40 -5.58 1.50
C LEU A 146 5.32 -4.79 0.22
N ILE A 147 4.15 -4.20 0.04
CA ILE A 147 3.82 -3.65 -1.29
C ILE A 147 3.76 -2.12 -1.23
N PHE A 148 4.69 -1.43 -1.89
CA PHE A 148 4.65 0.03 -1.89
C PHE A 148 3.88 0.57 -3.09
N ALA A 149 2.78 1.30 -2.83
CA ALA A 149 2.05 1.98 -3.94
C ALA A 149 2.69 3.35 -4.11
N ILE A 150 3.56 3.39 -5.15
CA ILE A 150 4.36 4.61 -5.42
C ILE A 150 4.09 5.10 -6.81
N ASN A 151 3.67 6.37 -6.91
CA ASN A 151 3.15 6.97 -8.15
C ASN A 151 2.00 6.05 -8.66
N TYR A 152 1.02 5.91 -7.74
CA TYR A 152 -0.09 4.92 -7.92
C TYR A 152 -1.37 5.71 -7.71
N GLY A 153 -2.36 5.41 -8.55
CA GLY A 153 -3.74 5.92 -8.26
C GLY A 153 -4.71 4.92 -8.89
N GLY A 154 -5.84 4.71 -8.23
CA GLY A 154 -6.79 3.70 -8.69
C GLY A 154 -7.37 4.06 -10.07
N ARG A 155 -7.68 5.30 -10.32
CA ARG A 155 -8.17 5.67 -11.68
C ARG A 155 -7.12 5.43 -12.80
N ALA A 156 -5.89 5.80 -12.50
CA ALA A 156 -4.83 5.60 -13.51
C ALA A 156 -4.50 4.12 -13.68
N GLU A 157 -4.53 3.34 -12.58
CA GLU A 157 -4.38 1.91 -12.64
C GLU A 157 -5.44 1.30 -13.61
N LEU A 158 -6.71 1.66 -13.43
CA LEU A 158 -7.77 1.23 -14.33
C LEU A 158 -7.55 1.69 -15.76
N VAL A 159 -7.19 2.93 -15.98
CA VAL A 159 -6.96 3.41 -17.38
C VAL A 159 -5.88 2.51 -18.04
N HIS A 160 -4.76 2.33 -17.33
CA HIS A 160 -3.71 1.46 -17.88
C HIS A 160 -4.08 0.02 -18.13
N SER A 161 -4.87 -0.63 -17.23
CA SER A 161 -5.28 -1.96 -17.34
C SER A 161 -6.26 -2.04 -18.53
N ILE A 162 -7.11 -1.02 -18.63
CA ILE A 162 -8.09 -0.96 -19.78
C ILE A 162 -7.34 -0.91 -21.10
N LYS A 163 -6.36 -0.02 -21.20
CA LYS A 163 -5.59 -0.05 -22.48
C LYS A 163 -4.97 -1.39 -22.75
N ASN A 164 -4.37 -2.06 -21.74
CA ASN A 164 -3.80 -3.40 -21.93
C ASN A 164 -4.84 -4.39 -22.36
N MET A 165 -6.02 -4.38 -21.71
CA MET A 165 -7.05 -5.35 -22.03
C MET A 165 -7.50 -5.16 -23.47
N PHE A 166 -7.65 -3.90 -23.92
CA PHE A 166 -8.18 -3.58 -25.34
C PHE A 166 -7.12 -4.22 -26.31
N ASP A 167 -5.83 -4.00 -26.03
CA ASP A 167 -4.83 -4.58 -26.99
C ASP A 167 -4.76 -6.10 -26.87
N GLU A 168 -4.77 -6.69 -25.65
CA GLU A 168 -4.71 -8.12 -25.51
C GLU A 168 -5.86 -8.84 -26.22
N LEU A 169 -7.09 -8.33 -26.05
CA LEU A 169 -8.23 -8.98 -26.70
C LEU A 169 -8.07 -8.89 -28.25
N HIS A 170 -7.67 -7.76 -28.79
CA HIS A 170 -7.59 -7.63 -30.26
C HIS A 170 -6.46 -8.56 -30.71
N GLN A 171 -5.39 -8.61 -29.94
CA GLN A 171 -4.25 -9.47 -30.40
C GLN A 171 -4.41 -10.96 -30.24
N GLN A 172 -5.42 -11.39 -29.46
CA GLN A 172 -5.82 -12.77 -29.28
C GLN A 172 -7.03 -13.17 -30.15
N GLY A 173 -7.54 -12.25 -30.93
CA GLY A 173 -8.71 -12.44 -31.74
C GLY A 173 -9.93 -12.65 -30.85
N LEU A 174 -10.08 -11.76 -29.89
CA LEU A 174 -11.25 -11.80 -29.02
C LEU A 174 -11.95 -10.45 -29.01
N ASN A 175 -13.21 -10.56 -28.84
CA ASN A 175 -14.13 -9.59 -28.43
C ASN A 175 -14.37 -9.59 -26.95
N SER A 176 -15.03 -8.53 -26.68
CA SER A 176 -15.17 -8.02 -25.27
C SER A 176 -16.19 -8.79 -24.44
N ASP A 177 -16.95 -9.72 -25.06
CA ASP A 177 -17.79 -10.60 -24.28
C ASP A 177 -17.09 -11.36 -23.15
N ILE A 178 -15.79 -11.65 -23.27
CA ILE A 178 -15.04 -12.33 -22.23
C ILE A 178 -14.76 -11.45 -21.02
N ILE A 179 -14.96 -10.13 -21.14
CA ILE A 179 -14.64 -9.27 -19.97
C ILE A 179 -15.69 -9.44 -18.88
N ASP A 180 -15.25 -9.79 -17.68
CA ASP A 180 -16.12 -9.85 -16.53
C ASP A 180 -15.32 -9.32 -15.33
N GLU A 181 -15.90 -9.34 -14.11
CA GLU A 181 -15.18 -8.74 -12.94
C GLU A 181 -13.91 -9.47 -12.68
N THR A 182 -13.94 -10.79 -12.85
CA THR A 182 -12.77 -11.64 -12.65
C THR A 182 -11.65 -11.32 -13.67
N TYR A 183 -12.02 -11.12 -14.93
CA TYR A 183 -11.03 -10.73 -15.92
C TYR A 183 -10.32 -9.40 -15.58
N ILE A 184 -11.09 -8.44 -15.09
CA ILE A 184 -10.51 -7.15 -14.69
C ILE A 184 -9.58 -7.37 -13.48
N ASN A 185 -10.05 -8.13 -12.48
CA ASN A 185 -9.18 -8.43 -11.32
C ASN A 185 -7.80 -8.92 -11.79
N ASN A 186 -7.82 -9.79 -12.83
CA ASN A 186 -6.57 -10.43 -13.31
C ASN A 186 -5.73 -9.55 -14.21
N HIS A 187 -6.20 -8.34 -14.51
CA HIS A 187 -5.45 -7.38 -15.30
C HIS A 187 -5.02 -6.11 -14.60
N LEU A 188 -5.38 -6.04 -13.30
CA LEU A 188 -4.96 -4.88 -12.52
C LEU A 188 -3.52 -5.07 -12.03
N MET A 189 -2.92 -3.97 -11.51
CA MET A 189 -1.57 -4.13 -10.94
C MET A 189 -1.52 -5.08 -9.72
N THR A 190 -2.67 -5.21 -9.04
CA THR A 190 -2.88 -6.14 -7.95
C THR A 190 -3.35 -7.54 -8.33
N LYS A 191 -3.10 -7.91 -9.61
CA LYS A 191 -3.60 -9.22 -10.07
C LYS A 191 -3.11 -10.39 -9.22
N ASP A 192 -1.94 -10.28 -8.57
CA ASP A 192 -1.46 -11.45 -7.79
C ASP A 192 -1.85 -11.37 -6.31
N TYR A 193 -2.66 -10.36 -5.91
CA TYR A 193 -3.01 -10.19 -4.50
C TYR A 193 -4.49 -10.36 -4.25
N PRO A 194 -4.93 -10.88 -3.11
CA PRO A 194 -6.39 -10.80 -2.92
C PRO A 194 -6.77 -9.35 -2.61
N ASP A 195 -8.07 -9.02 -2.65
CA ASP A 195 -8.49 -7.69 -2.30
C ASP A 195 -8.28 -7.57 -0.78
N PRO A 196 -7.91 -6.36 -0.33
CA PRO A 196 -7.74 -6.23 1.16
C PRO A 196 -9.05 -6.42 1.94
N GLU A 197 -9.02 -7.16 3.04
CA GLU A 197 -10.22 -7.23 3.95
C GLU A 197 -10.39 -5.88 4.66
N LEU A 198 -9.25 -5.22 4.91
CA LEU A 198 -9.22 -4.03 5.85
C LEU A 198 -8.39 -2.95 5.17
N LEU A 199 -8.97 -1.77 5.16
CA LEU A 199 -8.26 -0.53 4.80
C LEU A 199 -8.24 0.38 6.06
N ILE A 200 -7.00 0.76 6.47
CA ILE A 200 -6.86 1.63 7.61
C ILE A 200 -6.37 2.97 7.03
N ARG A 201 -6.96 4.09 7.50
CA ARG A 201 -6.36 5.43 7.16
C ARG A 201 -6.13 6.14 8.44
N THR A 202 -4.94 6.71 8.59
CA THR A 202 -4.58 7.43 9.81
C THR A 202 -5.07 8.87 9.69
N SER A 203 -4.73 9.65 10.74
CA SER A 203 -4.98 11.12 10.89
C SER A 203 -6.35 11.67 11.18
N GLY A 204 -7.19 10.77 11.07
CA GLY A 204 -8.61 11.09 11.02
C GLY A 204 -9.48 11.23 9.79
N GLU A 205 -8.88 11.70 8.69
CA GLU A 205 -9.61 11.88 7.45
C GLU A 205 -10.50 10.68 7.15
N GLN A 206 -11.63 10.93 6.49
CA GLN A 206 -12.57 9.87 6.15
C GLN A 206 -12.86 9.96 4.67
N ARG A 207 -11.96 9.34 3.88
CA ARG A 207 -11.99 9.34 2.38
C ARG A 207 -10.92 8.38 1.94
N ILE A 208 -11.00 7.92 0.71
CA ILE A 208 -10.00 6.95 0.21
C ILE A 208 -9.01 7.51 -0.78
N SER A 209 -9.26 8.74 -1.23
CA SER A 209 -8.26 9.50 -2.02
C SER A 209 -7.61 8.68 -3.13
N ASN A 210 -8.41 8.02 -3.94
CA ASN A 210 -7.94 7.28 -5.15
C ASN A 210 -7.10 6.04 -4.80
N PHE A 211 -7.19 5.53 -3.56
CA PHE A 211 -6.40 4.33 -3.23
C PHE A 211 -7.23 3.07 -3.52
N LEU A 212 -6.79 2.23 -4.46
CA LEU A 212 -7.31 0.85 -4.62
C LEU A 212 -8.83 0.89 -4.78
N ILE A 213 -9.30 1.77 -5.66
CA ILE A 213 -10.75 2.09 -5.67
C ILE A 213 -11.58 0.84 -6.15
N TRP A 214 -11.09 0.12 -7.16
CA TRP A 214 -11.73 -1.15 -7.51
C TRP A 214 -11.66 -2.23 -6.44
N GLN A 215 -10.48 -2.38 -5.82
CA GLN A 215 -10.15 -3.48 -4.94
C GLN A 215 -10.82 -3.36 -3.58
N VAL A 216 -11.23 -2.12 -3.21
CA VAL A 216 -11.79 -1.93 -1.83
C VAL A 216 -13.30 -1.96 -1.86
N SER A 217 -13.92 -2.47 -2.94
CA SER A 217 -15.37 -2.49 -3.10
C SER A 217 -16.11 -2.99 -1.85
N TYR A 218 -15.59 -4.04 -1.18
CA TYR A 218 -16.20 -4.58 0.06
C TYR A 218 -15.25 -4.59 1.28
N SER A 219 -14.18 -3.83 1.19
CA SER A 219 -13.28 -3.77 2.33
C SER A 219 -13.94 -3.13 3.55
N GLU A 220 -13.52 -3.60 4.73
CA GLU A 220 -13.84 -2.85 5.96
C GLU A 220 -12.93 -1.62 6.04
N PHE A 221 -13.48 -0.46 6.48
CA PHE A 221 -12.57 0.69 6.66
C PHE A 221 -12.43 0.98 8.15
N ILE A 222 -11.22 1.40 8.55
CA ILE A 222 -11.04 1.95 9.92
C ILE A 222 -10.35 3.28 9.76
N PHE A 223 -10.93 4.29 10.36
CA PHE A 223 -10.37 5.65 10.25
C PHE A 223 -9.75 5.99 11.58
N ASN A 224 -8.47 5.67 11.69
CA ASN A 224 -7.77 5.75 12.99
C ASN A 224 -7.31 7.18 13.22
N GLN A 225 -7.50 7.65 14.47
CA GLN A 225 -7.27 9.07 14.70
C GLN A 225 -5.79 9.42 14.94
N LYS A 226 -4.90 8.46 15.18
CA LYS A 226 -3.48 8.89 15.40
C LYS A 226 -2.93 9.43 14.06
N LEU A 227 -2.06 10.42 14.11
CA LEU A 227 -1.23 10.78 12.96
C LEU A 227 -0.23 9.62 12.65
N TRP A 228 -0.01 9.37 11.37
CA TRP A 228 0.87 8.20 10.97
C TRP A 228 2.13 8.02 11.82
N PRO A 229 2.94 9.07 12.09
CA PRO A 229 4.19 8.77 12.86
C PRO A 229 3.91 8.30 14.26
N ASP A 230 2.74 8.60 14.80
CA ASP A 230 2.37 8.08 16.12
C ASP A 230 1.66 6.67 16.07
N PHE A 231 1.42 6.11 14.87
CA PHE A 231 0.73 4.83 14.78
C PHE A 231 1.78 3.72 15.04
N ASP A 232 1.51 2.85 15.99
CA ASP A 232 2.46 1.88 16.39
C ASP A 232 1.89 0.46 16.44
N GLU A 233 2.66 -0.46 16.97
CA GLU A 233 2.16 -1.88 17.06
C GLU A 233 0.86 -2.06 17.76
N ASP A 234 0.73 -1.42 18.94
CA ASP A 234 -0.48 -1.48 19.71
C ASP A 234 -1.71 -0.99 18.92
N GLU A 235 -1.50 0.05 18.16
CA GLU A 235 -2.57 0.64 17.42
C GLU A 235 -2.96 -0.28 16.28
N LEU A 236 -1.97 -0.89 15.62
CA LEU A 236 -2.31 -1.95 14.62
C LEU A 236 -3.08 -3.12 15.16
N ILE A 237 -2.66 -3.60 16.32
CA ILE A 237 -3.44 -4.64 17.00
C ILE A 237 -4.82 -4.17 17.36
N LYS A 238 -5.02 -2.92 17.82
CA LYS A 238 -6.38 -2.45 18.14
C LYS A 238 -7.21 -2.41 16.86
N CYS A 239 -6.60 -2.01 15.77
CA CYS A 239 -7.34 -2.00 14.46
C CYS A 239 -7.76 -3.40 14.05
N ILE A 240 -6.88 -4.38 14.17
CA ILE A 240 -7.27 -5.73 13.79
C ILE A 240 -8.40 -6.27 14.73
N LYS A 241 -8.37 -5.87 16.00
CA LYS A 241 -9.43 -6.29 16.95
C LYS A 241 -10.76 -5.70 16.55
N ILE A 242 -10.76 -4.39 16.20
CA ILE A 242 -11.96 -3.77 15.64
C ILE A 242 -12.45 -4.49 14.42
N TYR A 243 -11.53 -4.77 13.52
CA TYR A 243 -11.89 -5.52 12.28
C TYR A 243 -12.59 -6.85 12.59
N GLN A 244 -12.02 -7.54 13.55
CA GLN A 244 -12.56 -8.88 13.87
C GLN A 244 -13.97 -8.81 14.42
N SER A 245 -14.37 -7.63 14.93
CA SER A 245 -15.76 -7.39 15.45
C SER A 245 -16.70 -6.99 14.34
N ARG A 246 -16.17 -6.68 13.16
CA ARG A 246 -17.10 -6.27 12.06
C ARG A 246 -17.88 -7.47 11.48
N GLN A 247 -19.09 -7.21 11.06
CA GLN A 247 -19.93 -8.27 10.47
C GLN A 247 -19.98 -7.94 8.95
N ARG A 248 -19.35 -8.78 8.14
CA ARG A 248 -19.23 -8.60 6.66
C ARG A 248 -20.36 -9.42 6.00
N ARG A 249 -21.07 -8.81 5.07
CA ARG A 249 -22.24 -9.44 4.46
C ARG A 249 -22.16 -9.58 2.99
N PHE A 250 -21.29 -8.81 2.28
CA PHE A 250 -21.18 -8.90 0.83
C PHE A 250 -22.50 -8.87 0.03
N GLY A 251 -23.44 -8.08 0.52
CA GLY A 251 -24.68 -7.83 -0.19
C GLY A 251 -25.79 -8.80 0.28
N GLY A 252 -25.40 -9.84 0.99
CA GLY A 252 -26.32 -10.90 1.46
C GLY A 252 -26.79 -10.66 2.87
N LEU A 253 -27.55 -11.65 3.41
CA LEU A 253 -27.91 -11.55 4.82
C LEU A 253 -26.94 -12.30 5.73
N SER A 254 -26.82 -11.85 6.94
CA SER A 254 -25.73 -12.29 7.83
C SER A 254 -26.10 -13.72 8.15
#